data_7IAY
#
_entry.id   7IAY
#
_cell.length_a   60.510
_cell.length_b   60.510
_cell.length_c   215.670
_cell.angle_alpha   90.00
_cell.angle_beta   90.00
_cell.angle_gamma   90.00
#
_symmetry.space_group_name_H-M   'P 43 21 2'
#
loop_
_entity.id
_entity.type
_entity.pdbx_description
1 polymer 'NS2B co-factor'
2 polymer 'NS3 protease'
3 non-polymer 2-phenoxyethanamine
4 water water
#
loop_
_entity_poly.entity_id
_entity_poly.type
_entity_poly.pdbx_seq_one_letter_code
_entity_poly.pdbx_strand_id
1 'polypeptide(L)' MTGKSVDMYIERAGDITWEKDAEVTGNSPRLDVALDESGDFSLVEEDGPPMRE A,C
2 'polypeptide(L)'
;GALWDVPAPKEVKKGETTDGVYRVMTRRLLGSTQVGVGVMQEGVFHTMWHVTKGAALRSGEGRLDPYWGDVKQDLVSYCG
PWKLDAAWDGLSEVQLLAVPPGERAKNIQTLPGIFKTKDGDIGAVALDYPAGTSGSPILDKSGRVIGLYGNGVVIKNGSY
VSAITQGKREEETPVE
;
B,D
#
# COMPACT_ATOMS: atom_id res chain seq x y z
N VAL A 6 -16.23 17.85 -3.71
CA VAL A 6 -15.31 16.72 -3.81
C VAL A 6 -15.93 15.65 -4.71
N ASP A 7 -15.20 15.27 -5.76
CA ASP A 7 -15.70 14.36 -6.78
C ASP A 7 -15.36 12.92 -6.37
N MET A 8 -16.34 12.22 -5.83
CA MET A 8 -16.18 10.82 -5.43
C MET A 8 -16.78 9.93 -6.51
N TYR A 9 -15.98 9.00 -7.04
CA TYR A 9 -16.40 8.18 -8.17
C TYR A 9 -15.84 6.77 -8.02
N ILE A 10 -16.34 5.85 -8.86
CA ILE A 10 -15.96 4.45 -8.79
C ILE A 10 -15.48 3.96 -10.15
N GLU A 11 -14.56 3.00 -10.12
CA GLU A 11 -13.99 2.35 -11.30
C GLU A 11 -13.98 0.85 -11.07
N ARG A 12 -14.43 0.07 -12.07
CA ARG A 12 -14.43 -1.38 -11.92
C ARG A 12 -13.01 -1.93 -11.89
N ALA A 13 -12.76 -2.82 -10.92
CA ALA A 13 -11.44 -3.42 -10.75
C ALA A 13 -11.38 -4.92 -11.02
N GLY A 14 -12.51 -5.59 -11.18
CA GLY A 14 -12.49 -7.00 -11.53
C GLY A 14 -13.75 -7.72 -11.09
N ASP A 15 -13.75 -9.03 -11.36
CA ASP A 15 -14.82 -9.93 -10.98
C ASP A 15 -14.67 -10.38 -9.52
N ILE A 16 -15.77 -10.81 -8.93
CA ILE A 16 -15.75 -11.40 -7.59
C ILE A 16 -15.62 -12.91 -7.79
N THR A 17 -14.42 -13.44 -7.57
CA THR A 17 -14.12 -14.82 -7.93
C THR A 17 -13.08 -15.40 -6.99
N TRP A 18 -13.30 -16.66 -6.60
CA TRP A 18 -12.31 -17.42 -5.87
C TRP A 18 -11.18 -17.85 -6.82
N GLU A 19 -9.94 -17.58 -6.42
CA GLU A 19 -8.77 -17.89 -7.23
C GLU A 19 -7.98 -19.01 -6.57
N LYS A 20 -7.65 -20.03 -7.36
CA LYS A 20 -7.00 -21.22 -6.81
C LYS A 20 -5.52 -20.99 -6.50
N ASP A 21 -4.87 -20.07 -7.22
CA ASP A 21 -3.44 -19.81 -7.03
C ASP A 21 -3.20 -18.55 -6.20
N ALA A 22 -4.03 -18.33 -5.18
CA ALA A 22 -3.91 -17.12 -4.36
C ALA A 22 -2.83 -17.30 -3.30
N GLU A 23 -2.15 -16.18 -3.00
CA GLU A 23 -1.17 -16.17 -1.93
C GLU A 23 -1.85 -16.42 -0.59
N VAL A 24 -1.23 -17.27 0.24
CA VAL A 24 -1.82 -17.69 1.51
C VAL A 24 -0.92 -17.22 2.64
N THR A 25 -1.50 -16.47 3.58
CA THR A 25 -0.73 -15.93 4.70
C THR A 25 -1.67 -15.48 5.79
N GLY A 26 -1.11 -15.23 6.97
CA GLY A 26 -1.86 -14.67 8.08
C GLY A 26 -2.21 -15.71 9.13
N ASN A 27 -2.32 -15.27 10.37
CA ASN A 27 -2.70 -16.15 11.45
C ASN A 27 -4.19 -15.97 11.74
N SER A 28 -4.65 -16.57 12.84
CA SER A 28 -6.07 -16.59 13.19
C SER A 28 -6.22 -16.37 14.69
N PRO A 29 -5.99 -15.14 15.16
CA PRO A 29 -6.08 -14.89 16.60
C PRO A 29 -7.51 -14.90 17.10
N ARG A 30 -7.68 -15.36 18.33
CA ARG A 30 -8.96 -15.33 19.02
C ARG A 30 -8.90 -14.22 20.06
N LEU A 31 -9.83 -13.27 19.96
CA LEU A 31 -9.77 -12.05 20.72
C LEU A 31 -11.12 -11.72 21.32
N ASP A 32 -11.12 -11.27 22.58
CA ASP A 32 -12.29 -10.68 23.19
C ASP A 32 -12.34 -9.20 22.83
N VAL A 33 -13.44 -8.76 22.22
CA VAL A 33 -13.60 -7.38 21.83
C VAL A 33 -15.00 -6.90 22.20
N ALA A 34 -15.16 -5.58 22.22
CA ALA A 34 -16.46 -4.94 22.38
C ALA A 34 -16.66 -3.91 21.27
N LEU A 35 -17.90 -3.77 20.83
CA LEU A 35 -18.27 -2.87 19.74
C LEU A 35 -19.15 -1.76 20.31
N ASP A 36 -18.68 -0.51 20.20
CA ASP A 36 -19.42 0.59 20.79
C ASP A 36 -20.36 1.22 19.76
N GLU A 37 -21.04 2.30 20.19
CA GLU A 37 -22.08 2.90 19.37
C GLU A 37 -21.52 3.56 18.12
N SER A 38 -20.25 3.95 18.14
CA SER A 38 -19.61 4.58 17.00
C SER A 38 -18.98 3.58 16.04
N GLY A 39 -19.27 2.29 16.19
CA GLY A 39 -18.74 1.28 15.29
C GLY A 39 -17.30 0.90 15.53
N ASP A 40 -16.69 1.38 16.60
CA ASP A 40 -15.31 1.09 16.94
C ASP A 40 -15.24 -0.16 17.81
N PHE A 41 -14.48 -1.15 17.37
CA PHE A 41 -14.10 -2.27 18.22
C PHE A 41 -12.94 -1.86 19.12
N SER A 42 -12.91 -2.42 20.33
CA SER A 42 -11.81 -2.24 21.25
C SER A 42 -11.56 -3.53 22.00
N LEU A 43 -10.31 -3.75 22.40
CA LEU A 43 -9.96 -4.97 23.10
C LEU A 43 -10.57 -4.99 24.50
N VAL A 44 -10.90 -6.18 24.97
CA VAL A 44 -11.57 -6.37 26.26
C VAL A 44 -10.80 -7.41 27.07
N GLU A 45 -10.59 -7.13 28.34
CA GLU A 45 -9.96 -8.08 29.25
C GLU A 45 -10.96 -8.58 30.29
N THR B 17 -23.00 -0.26 -12.92
CA THR B 17 -24.12 -1.15 -12.60
C THR B 17 -23.68 -2.61 -12.67
N THR B 18 -22.60 -2.86 -13.40
CA THR B 18 -22.15 -4.22 -13.64
C THR B 18 -21.60 -4.85 -12.35
N ASP B 19 -21.92 -6.13 -12.16
CA ASP B 19 -21.38 -6.87 -11.02
C ASP B 19 -19.86 -6.81 -11.02
N GLY B 20 -19.28 -6.60 -9.85
CA GLY B 20 -17.84 -6.63 -9.70
C GLY B 20 -17.39 -5.89 -8.47
N VAL B 21 -16.07 -5.90 -8.26
CA VAL B 21 -15.43 -5.13 -7.21
C VAL B 21 -14.93 -3.82 -7.83
N TYR B 22 -15.12 -2.72 -7.10
CA TYR B 22 -14.80 -1.38 -7.62
C TYR B 22 -13.91 -0.62 -6.65
N ARG B 23 -13.06 0.24 -7.22
CA ARG B 23 -12.32 1.22 -6.44
C ARG B 23 -13.20 2.44 -6.18
N VAL B 24 -13.06 3.03 -4.99
CA VAL B 24 -13.72 4.27 -4.62
C VAL B 24 -12.66 5.36 -4.63
N MET B 25 -12.77 6.30 -5.57
CA MET B 25 -11.78 7.34 -5.80
C MET B 25 -12.34 8.71 -5.45
N THR B 26 -11.43 9.65 -5.15
CA THR B 26 -11.78 11.03 -4.88
C THR B 26 -10.80 11.96 -5.58
N ARG B 27 -11.25 13.19 -5.82
CA ARG B 27 -10.39 14.22 -6.39
C ARG B 27 -10.33 15.45 -5.48
N GLY B 31 -5.02 15.89 -8.28
CA GLY B 31 -4.80 14.45 -8.34
C GLY B 31 -5.95 13.65 -7.77
N SER B 32 -5.88 12.33 -7.94
CA SER B 32 -6.88 11.42 -7.42
C SER B 32 -6.27 10.53 -6.35
N THR B 33 -7.12 10.10 -5.41
CA THR B 33 -6.71 9.22 -4.33
C THR B 33 -7.76 8.14 -4.15
N GLN B 34 -7.31 6.90 -3.99
CA GLN B 34 -8.24 5.80 -3.72
C GLN B 34 -8.51 5.76 -2.23
N VAL B 35 -9.76 6.03 -1.84
CA VAL B 35 -10.12 6.02 -0.44
C VAL B 35 -10.71 4.70 0.03
N GLY B 36 -11.15 3.85 -0.89
CA GLY B 36 -11.75 2.59 -0.48
C GLY B 36 -12.15 1.74 -1.66
N VAL B 37 -12.98 0.73 -1.37
CA VAL B 37 -13.36 -0.32 -2.29
C VAL B 37 -14.81 -0.67 -2.02
N GLY B 38 -15.52 -1.17 -3.04
CA GLY B 38 -16.88 -1.62 -2.81
C GLY B 38 -17.27 -2.74 -3.75
N VAL B 39 -18.46 -3.29 -3.50
CA VAL B 39 -18.99 -4.45 -4.19
C VAL B 39 -20.30 -4.07 -4.87
N MET B 40 -20.38 -4.29 -6.17
CA MET B 40 -21.61 -4.13 -6.93
C MET B 40 -22.24 -5.50 -7.10
N GLN B 41 -23.47 -5.68 -6.61
CA GLN B 41 -24.17 -6.94 -6.76
C GLN B 41 -25.67 -6.68 -6.75
N GLU B 42 -26.37 -7.30 -7.71
CA GLU B 42 -27.82 -7.14 -7.87
C GLU B 42 -28.21 -5.66 -7.92
N GLY B 43 -27.41 -4.87 -8.63
CA GLY B 43 -27.72 -3.47 -8.82
C GLY B 43 -27.54 -2.57 -7.61
N VAL B 44 -26.91 -3.08 -6.54
CA VAL B 44 -26.66 -2.30 -5.33
C VAL B 44 -25.16 -2.25 -5.09
N PHE B 45 -24.65 -1.07 -4.76
CA PHE B 45 -23.25 -0.90 -4.40
C PHE B 45 -23.11 -0.93 -2.89
N HIS B 46 -22.24 -1.82 -2.41
CA HIS B 46 -21.99 -2.02 -0.98
C HIS B 46 -20.58 -1.55 -0.65
N THR B 47 -20.45 -0.73 0.39
CA THR B 47 -19.13 -0.34 0.88
C THR B 47 -19.26 -0.03 2.37
N MET B 48 -18.19 0.46 2.98
CA MET B 48 -18.16 0.73 4.40
C MET B 48 -18.41 2.20 4.65
N TRP B 49 -19.17 2.50 5.72
CA TRP B 49 -19.55 3.88 6.00
C TRP B 49 -18.34 4.80 6.05
N HIS B 50 -17.26 4.37 6.73
CA HIS B 50 -16.12 5.25 6.93
C HIS B 50 -15.35 5.53 5.64
N VAL B 51 -15.72 4.89 4.54
CA VAL B 51 -15.09 5.17 3.24
C VAL B 51 -15.76 6.36 2.55
N THR B 52 -17.09 6.40 2.53
CA THR B 52 -17.81 7.45 1.83
C THR B 52 -18.59 8.40 2.74
N LYS B 53 -18.85 8.02 3.99
CA LYS B 53 -19.76 8.74 4.88
C LYS B 53 -21.14 8.95 4.25
N GLY B 54 -21.52 8.10 3.31
CA GLY B 54 -22.82 8.21 2.68
C GLY B 54 -22.91 9.19 1.54
N ALA B 55 -21.80 9.79 1.14
CA ALA B 55 -21.83 10.75 0.04
C ALA B 55 -22.20 10.07 -1.27
N ALA B 56 -22.88 10.81 -2.14
CA ALA B 56 -23.24 10.30 -3.45
C ALA B 56 -21.98 9.88 -4.22
N LEU B 57 -22.16 8.91 -5.11
CA LEU B 57 -21.07 8.37 -5.91
C LEU B 57 -21.36 8.57 -7.39
N ARG B 58 -20.30 8.78 -8.16
CA ARG B 58 -20.38 8.92 -9.60
C ARG B 58 -19.88 7.64 -10.27
N SER B 59 -20.61 7.21 -11.30
CA SER B 59 -20.20 6.07 -12.11
C SER B 59 -20.58 6.40 -13.56
N GLY B 60 -19.58 6.65 -14.39
CA GLY B 60 -19.87 7.12 -15.73
C GLY B 60 -20.54 8.47 -15.68
N GLU B 61 -21.59 8.63 -16.50
CA GLU B 61 -22.40 9.83 -16.50
C GLU B 61 -23.51 9.78 -15.46
N GLY B 62 -23.55 8.74 -14.63
CA GLY B 62 -24.62 8.54 -13.68
C GLY B 62 -24.20 8.81 -12.25
N ARG B 63 -25.20 8.77 -11.37
CA ARG B 63 -25.03 9.07 -9.95
C ARG B 63 -25.69 8.00 -9.11
N LEU B 64 -24.96 7.48 -8.13
CA LEU B 64 -25.47 6.48 -7.20
C LEU B 64 -25.84 7.17 -5.89
N ASP B 65 -27.12 7.11 -5.54
CA ASP B 65 -27.56 7.77 -4.31
C ASP B 65 -27.60 6.77 -3.17
N PRO B 66 -27.27 7.20 -1.95
CA PRO B 66 -27.33 6.29 -0.80
C PRO B 66 -28.76 5.86 -0.51
N TYR B 67 -28.90 4.64 -0.02
CA TYR B 67 -30.20 4.04 0.30
C TYR B 67 -30.33 3.67 1.76
N TRP B 68 -29.27 3.10 2.34
CA TRP B 68 -29.25 2.64 3.71
C TRP B 68 -27.83 2.80 4.25
N GLY B 69 -27.73 3.19 5.52
CA GLY B 69 -26.43 3.30 6.15
C GLY B 69 -26.54 3.15 7.65
N ASP B 70 -25.47 2.67 8.27
CA ASP B 70 -25.44 2.43 9.71
C ASP B 70 -24.02 2.60 10.22
N VAL B 71 -23.82 3.55 11.15
CA VAL B 71 -22.47 3.86 11.62
C VAL B 71 -21.92 2.73 12.51
N LYS B 72 -22.78 2.10 13.32
CA LYS B 72 -22.30 1.04 14.19
C LYS B 72 -21.85 -0.18 13.41
N GLN B 73 -22.60 -0.57 12.39
CA GLN B 73 -22.13 -1.66 11.54
C GLN B 73 -21.02 -1.21 10.61
N ASP B 74 -20.82 0.11 10.46
CA ASP B 74 -19.87 0.69 9.50
C ASP B 74 -20.15 0.21 8.08
N LEU B 75 -21.40 0.33 7.65
CA LEU B 75 -21.80 -0.12 6.32
C LEU B 75 -22.77 0.87 5.69
N VAL B 76 -22.80 0.87 4.36
CA VAL B 76 -23.70 1.72 3.57
C VAL B 76 -23.97 1.02 2.24
N SER B 77 -25.19 1.19 1.73
CA SER B 77 -25.60 0.66 0.43
C SER B 77 -26.20 1.77 -0.41
N TYR B 78 -26.05 1.63 -1.73
CA TYR B 78 -26.47 2.63 -2.70
C TYR B 78 -27.43 2.00 -3.70
N CYS B 79 -28.49 2.75 -4.03
CA CYS B 79 -29.47 2.38 -5.06
C CYS B 79 -30.50 1.37 -4.58
N GLY B 80 -30.28 0.80 -3.39
CA GLY B 80 -31.16 -0.21 -2.88
C GLY B 80 -30.65 -0.80 -1.58
N PRO B 81 -31.36 -1.80 -1.07
CA PRO B 81 -31.01 -2.37 0.24
C PRO B 81 -29.84 -3.34 0.14
N TRP B 82 -29.19 -3.55 1.29
CA TRP B 82 -28.06 -4.45 1.38
C TRP B 82 -28.42 -5.84 0.87
N LYS B 83 -27.60 -6.37 -0.04
CA LYS B 83 -27.91 -7.63 -0.70
C LYS B 83 -27.03 -8.80 -0.28
N LEU B 84 -25.90 -8.55 0.37
CA LEU B 84 -24.95 -9.61 0.69
C LEU B 84 -25.35 -10.28 2.01
N ASP B 85 -25.49 -11.62 1.98
CA ASP B 85 -25.92 -12.32 3.19
C ASP B 85 -25.13 -13.59 3.49
N ALA B 86 -24.11 -13.94 2.71
CA ALA B 86 -23.31 -15.12 3.05
C ALA B 86 -22.50 -14.88 4.30
N ALA B 87 -22.23 -15.96 5.03
CA ALA B 87 -21.51 -15.90 6.31
C ALA B 87 -20.36 -16.90 6.33
N TRP B 88 -19.34 -16.59 7.12
CA TRP B 88 -18.25 -17.52 7.33
C TRP B 88 -18.75 -18.77 8.05
N ASP B 89 -18.29 -19.94 7.61
CA ASP B 89 -18.75 -21.20 8.20
C ASP B 89 -18.04 -21.52 9.51
N GLY B 90 -17.05 -20.73 9.91
CA GLY B 90 -16.35 -20.96 11.16
C GLY B 90 -15.25 -21.99 11.12
N LEU B 91 -15.04 -22.66 9.97
CA LEU B 91 -14.03 -23.72 9.86
C LEU B 91 -13.14 -23.62 8.63
N SER B 92 -13.57 -22.98 7.55
CA SER B 92 -12.84 -23.06 6.29
C SER B 92 -11.97 -21.82 6.06
N GLU B 93 -10.98 -21.97 5.20
CA GLU B 93 -10.22 -20.81 4.76
C GLU B 93 -11.07 -19.94 3.84
N VAL B 94 -10.83 -18.64 3.89
CA VAL B 94 -11.53 -17.68 3.04
C VAL B 94 -10.50 -16.94 2.20
N GLN B 95 -10.96 -16.04 1.34
CA GLN B 95 -10.06 -15.23 0.52
C GLN B 95 -10.47 -13.77 0.59
N LEU B 96 -9.50 -12.92 0.91
CA LEU B 96 -9.67 -11.48 0.78
C LEU B 96 -9.36 -11.10 -0.67
N LEU B 97 -10.36 -10.53 -1.36
CA LEU B 97 -10.14 -9.98 -2.70
C LEU B 97 -9.74 -8.51 -2.51
N ALA B 98 -8.45 -8.33 -2.21
CA ALA B 98 -7.93 -7.00 -1.92
C ALA B 98 -7.71 -6.21 -3.21
N VAL B 99 -8.12 -4.95 -3.19
CA VAL B 99 -7.88 -4.02 -4.29
C VAL B 99 -7.11 -2.83 -3.71
N PRO B 100 -5.81 -2.96 -3.50
CA PRO B 100 -5.04 -1.85 -2.92
C PRO B 100 -4.84 -0.75 -3.93
N PRO B 101 -4.65 0.48 -3.46
CA PRO B 101 -4.41 1.60 -4.39
C PRO B 101 -3.22 1.32 -5.30
N GLY B 102 -3.42 1.53 -6.60
CA GLY B 102 -2.36 1.37 -7.57
C GLY B 102 -1.95 -0.06 -7.87
N GLU B 103 -2.75 -1.04 -7.46
CA GLU B 103 -2.41 -2.45 -7.64
C GLU B 103 -3.61 -3.21 -8.19
N ARG B 104 -3.32 -4.25 -8.96
CA ARG B 104 -4.35 -5.08 -9.55
C ARG B 104 -5.05 -5.92 -8.48
N ALA B 105 -6.35 -6.13 -8.66
CA ALA B 105 -7.12 -6.94 -7.72
C ALA B 105 -6.45 -8.30 -7.51
N LYS B 106 -6.36 -8.72 -6.25
CA LYS B 106 -5.65 -9.94 -5.90
C LYS B 106 -6.35 -10.65 -4.76
N ASN B 107 -6.26 -11.97 -4.76
CA ASN B 107 -6.87 -12.80 -3.72
C ASN B 107 -5.81 -13.26 -2.73
N ILE B 108 -6.09 -13.05 -1.45
CA ILE B 108 -5.22 -13.49 -0.37
C ILE B 108 -6.02 -14.49 0.46
N GLN B 109 -5.60 -15.75 0.43
CA GLN B 109 -6.26 -16.80 1.18
C GLN B 109 -5.74 -16.82 2.61
N THR B 110 -6.64 -17.08 3.55
CA THR B 110 -6.27 -17.10 4.97
C THR B 110 -7.31 -17.89 5.74
N LEU B 111 -6.94 -18.29 6.96
CA LEU B 111 -7.89 -18.85 7.90
C LEU B 111 -8.25 -17.78 8.91
N PRO B 112 -9.50 -17.35 8.99
CA PRO B 112 -9.84 -16.24 9.89
C PRO B 112 -9.72 -16.64 11.36
N GLY B 113 -9.41 -15.64 12.18
CA GLY B 113 -9.58 -15.74 13.61
C GLY B 113 -11.00 -15.37 14.00
N ILE B 114 -11.18 -15.04 15.29
CA ILE B 114 -12.52 -14.83 15.85
C ILE B 114 -12.49 -13.62 16.76
N PHE B 115 -13.39 -12.67 16.52
CA PHE B 115 -13.73 -11.64 17.49
C PHE B 115 -14.82 -12.20 18.40
N LYS B 116 -14.52 -12.34 19.69
CA LYS B 116 -15.48 -12.83 20.68
C LYS B 116 -16.13 -11.64 21.36
N THR B 117 -17.44 -11.48 21.16
CA THR B 117 -18.20 -10.39 21.73
C THR B 117 -19.35 -10.93 22.56
N LYS B 118 -20.00 -10.05 23.32
CA LYS B 118 -21.13 -10.46 24.15
C LYS B 118 -22.37 -10.80 23.33
N ASP B 119 -22.41 -10.40 22.06
CA ASP B 119 -23.54 -10.66 21.18
C ASP B 119 -23.23 -11.77 20.18
N GLY B 120 -22.18 -12.54 20.40
CA GLY B 120 -21.80 -13.62 19.50
C GLY B 120 -20.40 -13.40 18.95
N ASP B 121 -19.95 -14.40 18.19
CA ASP B 121 -18.64 -14.37 17.58
C ASP B 121 -18.73 -13.84 16.16
N ILE B 122 -17.64 -13.19 15.72
CA ILE B 122 -17.50 -12.64 14.38
C ILE B 122 -16.16 -13.09 13.85
N GLY B 123 -16.13 -13.56 12.60
CA GLY B 123 -14.86 -13.88 11.98
C GLY B 123 -13.99 -12.65 11.80
N ALA B 124 -12.68 -12.85 11.82
CA ALA B 124 -11.75 -11.74 11.67
C ALA B 124 -10.48 -12.23 10.99
N VAL B 125 -9.92 -11.38 10.12
CA VAL B 125 -8.75 -11.75 9.33
C VAL B 125 -7.58 -10.88 9.77
N ALA B 126 -6.44 -11.52 10.02
CA ALA B 126 -5.24 -10.83 10.51
C ALA B 126 -4.35 -10.50 9.31
N LEU B 127 -4.88 -9.60 8.48
CA LEU B 127 -4.23 -9.13 7.26
C LEU B 127 -4.24 -7.60 7.29
N ASP B 128 -3.12 -7.00 6.89
CA ASP B 128 -2.89 -5.56 7.05
C ASP B 128 -2.49 -4.94 5.70
N TYR B 129 -3.46 -4.31 5.03
CA TYR B 129 -3.28 -3.67 3.73
C TYR B 129 -3.54 -2.17 3.83
N PRO B 130 -3.09 -1.37 2.85
CA PRO B 130 -3.24 0.08 2.94
C PRO B 130 -4.69 0.52 3.09
N ALA B 131 -4.86 1.70 3.71
CA ALA B 131 -6.19 2.18 4.10
C ALA B 131 -7.17 2.23 2.94
N GLY B 132 -6.69 2.54 1.73
CA GLY B 132 -7.54 2.56 0.56
C GLY B 132 -8.11 1.23 0.15
N THR B 133 -7.75 0.14 0.85
CA THR B 133 -8.30 -1.18 0.60
C THR B 133 -9.58 -1.44 1.39
N SER B 134 -9.97 -0.54 2.29
CA SER B 134 -11.21 -0.71 3.05
C SER B 134 -12.40 -0.87 2.10
N GLY B 135 -13.27 -1.82 2.43
CA GLY B 135 -14.40 -2.17 1.59
C GLY B 135 -14.15 -3.35 0.66
N SER B 136 -12.93 -3.86 0.61
CA SER B 136 -12.63 -5.01 -0.21
C SER B 136 -13.39 -6.24 0.29
N PRO B 137 -13.91 -7.07 -0.62
CA PRO B 137 -14.72 -8.22 -0.21
C PRO B 137 -13.91 -9.40 0.27
N ILE B 138 -14.45 -10.10 1.26
CA ILE B 138 -13.96 -11.39 1.73
C ILE B 138 -14.91 -12.46 1.20
N LEU B 139 -14.35 -13.52 0.62
CA LEU B 139 -15.13 -14.51 -0.11
C LEU B 139 -15.01 -15.89 0.53
N ASP B 140 -16.06 -16.69 0.39
CA ASP B 140 -16.01 -18.10 0.73
C ASP B 140 -15.63 -18.90 -0.51
N LYS B 141 -15.53 -20.23 -0.36
CA LYS B 141 -15.04 -21.07 -1.44
C LYS B 141 -15.93 -21.01 -2.67
N SER B 142 -17.24 -20.82 -2.49
CA SER B 142 -18.15 -20.69 -3.61
C SER B 142 -18.11 -19.32 -4.26
N GLY B 143 -17.27 -18.42 -3.79
CA GLY B 143 -17.17 -17.09 -4.36
C GLY B 143 -18.17 -16.08 -3.83
N ARG B 144 -18.92 -16.42 -2.78
CA ARG B 144 -19.91 -15.50 -2.22
C ARG B 144 -19.26 -14.57 -1.20
N VAL B 145 -19.69 -13.32 -1.20
CA VAL B 145 -19.12 -12.28 -0.35
C VAL B 145 -19.66 -12.46 1.08
N ILE B 146 -18.79 -12.84 2.01
CA ILE B 146 -19.18 -13.08 3.39
C ILE B 146 -18.94 -11.86 4.28
N GLY B 147 -18.43 -10.78 3.74
CA GLY B 147 -18.21 -9.57 4.52
C GLY B 147 -17.25 -8.65 3.80
N LEU B 148 -17.07 -7.47 4.40
CA LEU B 148 -16.15 -6.46 3.90
C LEU B 148 -15.02 -6.21 4.89
N TYR B 149 -13.86 -5.86 4.34
CA TYR B 149 -12.62 -5.68 5.09
C TYR B 149 -12.39 -4.21 5.41
N GLY B 150 -11.95 -3.94 6.64
CA GLY B 150 -11.52 -2.58 6.96
C GLY B 150 -12.01 -1.97 8.26
N ASN B 151 -12.76 -2.73 9.08
CA ASN B 151 -13.09 -2.32 10.43
C ASN B 151 -12.58 -3.37 11.40
N GLY B 152 -11.70 -2.96 12.31
CA GLY B 152 -11.07 -3.92 13.22
C GLY B 152 -10.37 -3.33 14.42
N VAL B 153 -9.36 -4.05 14.94
CA VAL B 153 -8.60 -3.65 16.11
C VAL B 153 -7.11 -3.90 15.86
N VAL B 154 -6.30 -3.33 16.74
CA VAL B 154 -4.85 -3.51 16.77
C VAL B 154 -4.49 -4.29 18.02
N ILE B 155 -3.78 -5.40 17.84
CA ILE B 155 -3.38 -6.22 18.97
C ILE B 155 -1.94 -5.94 19.36
N GLY B 158 0.58 -4.33 17.64
CA GLY B 158 0.77 -3.46 16.49
C GLY B 158 0.17 -4.00 15.22
N SER B 159 -0.17 -5.29 15.23
CA SER B 159 -0.72 -5.94 14.05
C SER B 159 -2.22 -5.70 13.98
N TYR B 160 -2.70 -5.28 12.81
CA TYR B 160 -4.10 -4.96 12.61
C TYR B 160 -4.89 -6.22 12.26
N VAL B 161 -6.09 -6.33 12.81
CA VAL B 161 -6.99 -7.44 12.58
C VAL B 161 -8.36 -6.86 12.23
N SER B 162 -8.89 -7.21 11.06
CA SER B 162 -10.15 -6.67 10.59
C SER B 162 -11.27 -7.66 10.82
N ALA B 163 -12.37 -7.19 11.41
CA ALA B 163 -13.57 -8.01 11.42
C ALA B 163 -14.00 -8.33 10.01
N ILE B 164 -14.67 -9.46 9.83
CA ILE B 164 -15.42 -9.74 8.61
C ILE B 164 -16.79 -9.13 8.80
N THR B 165 -16.99 -7.93 8.24
CA THR B 165 -18.21 -7.17 8.49
C THR B 165 -19.26 -7.49 7.42
N GLN B 166 -20.41 -8.03 7.87
CA GLN B 166 -21.51 -8.38 6.98
C GLN B 166 -22.80 -7.70 7.44
N GLY B 167 -23.61 -7.27 6.48
CA GLY B 167 -24.87 -6.61 6.76
C GLY B 167 -26.01 -7.60 6.91
N LYS B 168 -27.23 -7.07 6.85
CA LYS B 168 -28.45 -7.86 7.01
C LYS B 168 -29.35 -7.62 5.81
N ARG B 169 -29.67 -8.71 5.10
CA ARG B 169 -30.54 -8.65 3.93
C ARG B 169 -31.92 -9.22 4.25
N ASP C 7 13.87 1.57 -24.09
CA ASP C 7 12.60 1.05 -23.55
C ASP C 7 12.04 1.93 -22.46
N MET C 8 12.90 2.69 -21.77
CA MET C 8 12.50 3.47 -20.61
C MET C 8 12.86 4.94 -20.79
N TYR C 9 12.09 5.81 -20.11
CA TYR C 9 12.41 7.22 -20.03
C TYR C 9 12.00 7.74 -18.65
N ILE C 10 12.54 8.90 -18.29
CA ILE C 10 12.23 9.52 -17.02
C ILE C 10 11.46 10.82 -17.28
N GLU C 11 10.57 11.15 -16.35
CA GLU C 11 9.82 12.40 -16.39
C GLU C 11 9.71 12.95 -14.97
N ARG C 12 9.75 14.28 -14.86
CA ARG C 12 9.78 14.92 -13.55
C ARG C 12 8.49 14.66 -12.78
N ALA C 13 8.63 14.41 -11.48
CA ALA C 13 7.52 14.22 -10.58
C ALA C 13 7.47 15.24 -9.44
N GLY C 14 8.53 16.00 -9.21
CA GLY C 14 8.47 17.07 -8.24
C GLY C 14 9.84 17.42 -7.68
N ASP C 15 9.83 18.40 -6.78
CA ASP C 15 11.02 18.78 -6.03
C ASP C 15 11.15 17.91 -4.78
N ILE C 16 12.35 17.88 -4.22
CA ILE C 16 12.65 17.05 -3.06
C ILE C 16 12.81 17.97 -1.86
N THR C 17 11.79 18.05 -1.01
CA THR C 17 11.85 18.85 0.21
C THR C 17 11.10 18.12 1.32
N TRP C 18 11.46 18.48 2.56
CA TRP C 18 10.73 18.03 3.73
C TRP C 18 9.42 18.79 3.85
N GLU C 19 8.34 18.06 4.17
CA GLU C 19 7.01 18.63 4.28
C GLU C 19 6.69 18.86 5.76
N LYS C 20 6.38 20.11 6.11
CA LYS C 20 6.22 20.47 7.52
C LYS C 20 5.02 19.78 8.15
N ASP C 21 3.86 19.85 7.51
CA ASP C 21 2.65 19.24 8.05
C ASP C 21 2.34 17.93 7.33
N ALA C 22 3.28 17.00 7.45
CA ALA C 22 3.17 15.71 6.81
C ALA C 22 2.39 14.73 7.68
N GLU C 23 1.61 13.87 7.03
CA GLU C 23 0.93 12.80 7.74
C GLU C 23 1.94 11.83 8.33
N VAL C 24 1.92 11.69 9.65
CA VAL C 24 2.77 10.73 10.34
C VAL C 24 2.00 9.41 10.46
N THR C 25 2.65 8.31 10.08
CA THR C 25 2.01 7.00 10.12
C THR C 25 3.08 5.92 10.09
N GLY C 26 2.65 4.69 10.33
CA GLY C 26 3.54 3.54 10.32
C GLY C 26 4.10 3.22 11.69
N ASN C 27 4.49 1.96 11.87
CA ASN C 27 5.19 1.54 13.07
C ASN C 27 6.68 1.39 12.79
N SER C 28 7.42 0.91 13.78
CA SER C 28 8.88 0.83 13.73
C SER C 28 9.31 -0.58 14.11
N PRO C 29 9.17 -1.54 13.20
CA PRO C 29 9.45 -2.94 13.53
C PRO C 29 10.95 -3.22 13.60
N ARG C 30 11.30 -4.15 14.46
CA ARG C 30 12.68 -4.61 14.65
C ARG C 30 12.74 -6.06 14.19
N LEU C 31 13.29 -6.28 13.00
CA LEU C 31 13.18 -7.56 12.30
C LEU C 31 14.55 -8.16 12.01
N ASP C 32 14.68 -9.46 12.25
CA ASP C 32 15.86 -10.21 11.84
C ASP C 32 15.72 -10.60 10.38
N VAL C 33 16.65 -10.15 9.54
CA VAL C 33 16.57 -10.37 8.09
C VAL C 33 17.92 -10.85 7.58
N ALA C 34 17.88 -11.43 6.38
CA ALA C 34 19.06 -11.89 5.67
C ALA C 34 19.05 -11.35 4.25
N LEU C 35 20.21 -10.94 3.76
CA LEU C 35 20.38 -10.41 2.42
C LEU C 35 21.22 -11.39 1.61
N ASP C 36 20.64 -11.94 0.55
CA ASP C 36 21.39 -12.90 -0.27
C ASP C 36 22.22 -12.16 -1.32
N GLU C 37 23.06 -12.92 -2.02
CA GLU C 37 23.99 -12.32 -2.97
C GLU C 37 23.27 -11.65 -4.14
N SER C 38 21.99 -11.98 -4.36
CA SER C 38 21.21 -11.35 -5.42
C SER C 38 20.52 -10.07 -4.96
N GLY C 39 20.80 -9.60 -3.74
CA GLY C 39 20.22 -8.36 -3.25
C GLY C 39 18.84 -8.50 -2.67
N ASP C 40 18.38 -9.71 -2.38
CA ASP C 40 17.03 -9.94 -1.88
C ASP C 40 17.06 -10.14 -0.37
N PHE C 41 16.17 -9.43 0.32
CA PHE C 41 15.97 -9.57 1.75
C PHE C 41 15.00 -10.72 2.03
N SER C 42 15.13 -11.30 3.23
CA SER C 42 14.24 -12.38 3.67
C SER C 42 14.25 -12.41 5.19
N LEU C 43 13.14 -12.86 5.77
CA LEU C 43 13.06 -13.02 7.22
C LEU C 43 13.83 -14.27 7.65
N VAL C 44 14.33 -14.23 8.89
CA VAL C 44 15.11 -15.33 9.45
C VAL C 44 14.23 -16.07 10.45
N GLU C 45 14.08 -17.38 10.24
CA GLU C 45 13.30 -18.22 11.14
C GLU C 45 14.08 -18.57 12.41
N LYS D 13 21.22 28.89 -18.13
CA LYS D 13 22.44 29.30 -17.45
C LYS D 13 23.39 28.12 -17.27
N LYS D 14 24.69 28.38 -17.46
CA LYS D 14 25.69 27.32 -17.33
C LYS D 14 25.71 26.80 -15.90
N GLY D 15 25.63 25.48 -15.76
CA GLY D 15 25.64 24.85 -14.47
C GLY D 15 24.28 24.63 -13.84
N GLU D 16 23.20 24.83 -14.59
CA GLU D 16 21.84 24.68 -14.05
C GLU D 16 21.38 23.25 -14.27
N THR D 17 21.48 22.43 -13.23
CA THR D 17 21.09 21.03 -13.28
C THR D 17 19.62 20.87 -12.90
N THR D 18 19.05 19.75 -13.33
CA THR D 18 17.60 19.52 -13.23
C THR D 18 17.30 18.62 -12.04
N ASP D 19 17.59 19.13 -10.84
CA ASP D 19 17.38 18.36 -9.62
C ASP D 19 15.89 18.06 -9.41
N GLY D 20 15.61 17.01 -8.66
CA GLY D 20 14.26 16.65 -8.31
C GLY D 20 14.07 15.14 -8.35
N VAL D 21 12.83 14.72 -8.19
CA VAL D 21 12.46 13.31 -8.21
C VAL D 21 11.71 13.02 -9.50
N TYR D 22 11.96 11.85 -10.08
CA TYR D 22 11.51 11.50 -11.43
C TYR D 22 10.85 10.13 -11.44
N ARG D 23 9.81 9.98 -12.25
CA ARG D 23 9.23 8.68 -12.53
C ARG D 23 10.01 7.98 -13.64
N VAL D 24 10.15 6.67 -13.50
CA VAL D 24 10.79 5.83 -14.52
C VAL D 24 9.70 5.08 -15.26
N MET D 25 9.52 5.38 -16.55
CA MET D 25 8.40 4.91 -17.34
C MET D 25 8.87 3.95 -18.42
N THR D 26 7.94 3.12 -18.90
CA THR D 26 8.21 2.25 -20.03
C THR D 26 7.61 2.82 -21.31
N LEU D 30 4.86 -1.54 -24.00
CA LEU D 30 4.95 -2.23 -22.72
C LEU D 30 3.82 -1.77 -21.80
N GLY D 31 3.05 -0.80 -22.26
CA GLY D 31 1.89 -0.31 -21.54
C GLY D 31 2.02 1.08 -20.96
N SER D 32 3.16 1.75 -21.16
CA SER D 32 3.44 3.05 -20.55
C SER D 32 3.30 2.96 -19.03
N THR D 33 3.98 1.97 -18.45
CA THR D 33 3.91 1.68 -17.03
C THR D 33 5.03 2.39 -16.29
N GLN D 34 4.70 2.96 -15.12
CA GLN D 34 5.72 3.42 -14.19
C GLN D 34 6.32 2.20 -13.50
N VAL D 35 7.57 1.87 -13.82
CA VAL D 35 8.25 0.76 -13.17
C VAL D 35 9.07 1.20 -11.97
N GLY D 36 9.36 2.49 -11.84
CA GLY D 36 10.07 2.94 -10.67
C GLY D 36 10.18 4.45 -10.60
N VAL D 37 11.13 4.91 -9.80
CA VAL D 37 11.31 6.30 -9.43
C VAL D 37 12.80 6.52 -9.22
N GLY D 38 13.26 7.75 -9.43
CA GLY D 38 14.65 8.06 -9.19
C GLY D 38 14.87 9.49 -8.76
N VAL D 39 16.10 9.75 -8.32
CA VAL D 39 16.51 11.05 -7.80
C VAL D 39 17.60 11.63 -8.71
N MET D 40 17.35 12.81 -9.24
CA MET D 40 18.36 13.57 -9.97
C MET D 40 18.98 14.57 -9.00
N GLN D 41 20.28 14.45 -8.76
CA GLN D 41 20.98 15.38 -7.89
C GLN D 41 22.42 15.54 -8.36
N GLU D 42 22.85 16.79 -8.51
CA GLU D 42 24.21 17.13 -8.92
C GLU D 42 24.56 16.48 -10.26
N GLY D 43 23.58 16.44 -11.16
CA GLY D 43 23.80 15.90 -12.49
C GLY D 43 23.96 14.39 -12.55
N VAL D 44 23.43 13.67 -11.56
CA VAL D 44 23.50 12.22 -11.50
C VAL D 44 22.10 11.69 -11.18
N PHE D 45 21.66 10.66 -11.90
CA PHE D 45 20.37 10.02 -11.65
C PHE D 45 20.58 8.78 -10.79
N HIS D 46 19.92 8.73 -9.64
CA HIS D 46 20.05 7.64 -8.68
C HIS D 46 18.73 6.86 -8.64
N THR D 47 18.82 5.55 -8.82
CA THR D 47 17.63 4.70 -8.67
C THR D 47 18.09 3.32 -8.20
N MET D 48 17.16 2.37 -8.17
CA MET D 48 17.45 1.03 -7.67
C MET D 48 17.66 0.08 -8.85
N TRP D 49 18.54 -0.92 -8.63
CA TRP D 49 18.92 -1.82 -9.72
C TRP D 49 17.72 -2.60 -10.25
N HIS D 50 16.84 -3.07 -9.37
CA HIS D 50 15.73 -3.90 -9.82
C HIS D 50 14.71 -3.12 -10.65
N VAL D 51 14.82 -1.79 -10.72
CA VAL D 51 13.91 -1.00 -11.55
C VAL D 51 14.37 -1.01 -13.00
N THR D 52 15.61 -0.58 -13.27
CA THR D 52 16.12 -0.46 -14.63
C THR D 52 17.01 -1.62 -15.05
N LYS D 53 17.59 -2.36 -14.10
CA LYS D 53 18.58 -3.40 -14.39
C LYS D 53 19.84 -2.82 -15.01
N GLY D 54 20.09 -1.53 -14.82
CA GLY D 54 21.22 -0.85 -15.41
C GLY D 54 21.02 -0.38 -16.82
N ALA D 55 19.84 -0.59 -17.41
CA ALA D 55 19.59 -0.20 -18.79
C ALA D 55 19.65 1.30 -18.97
N ALA D 56 20.01 1.73 -20.18
CA ALA D 56 20.07 3.15 -20.49
C ALA D 56 18.67 3.76 -20.46
N LEU D 57 18.62 5.05 -20.15
CA LEU D 57 17.37 5.77 -19.96
C LEU D 57 17.29 6.96 -20.93
N ARG D 58 16.07 7.34 -21.26
CA ARG D 58 15.83 8.52 -22.09
C ARG D 58 15.41 9.68 -21.21
N SER D 59 15.99 10.86 -21.48
CA SER D 59 15.66 12.09 -20.76
C SER D 59 15.51 13.19 -21.80
N GLY D 60 14.27 13.49 -22.17
CA GLY D 60 14.03 14.35 -23.30
C GLY D 60 14.58 13.73 -24.58
N GLU D 61 15.48 14.44 -25.24
CA GLU D 61 16.15 13.90 -26.42
C GLU D 61 17.46 13.20 -26.08
N GLY D 62 18.00 13.41 -24.89
CA GLY D 62 19.28 12.85 -24.50
C GLY D 62 19.16 11.53 -23.77
N ARG D 63 20.22 10.73 -23.86
CA ARG D 63 20.28 9.42 -23.23
C ARG D 63 21.12 9.47 -21.97
N LEU D 64 20.71 8.72 -20.95
CA LEU D 64 21.43 8.61 -19.69
C LEU D 64 22.06 7.22 -19.62
N ASP D 65 23.40 7.18 -19.44
CA ASP D 65 24.11 5.92 -19.40
C ASP D 65 24.54 5.57 -17.98
N PRO D 66 24.58 4.28 -17.63
CA PRO D 66 24.97 3.91 -16.27
C PRO D 66 26.44 4.16 -16.02
N TYR D 67 26.75 4.49 -14.78
CA TYR D 67 28.11 4.81 -14.34
C TYR D 67 28.61 3.90 -13.23
N TRP D 68 27.74 3.51 -12.31
CA TRP D 68 28.10 2.61 -11.22
C TRP D 68 26.87 1.79 -10.86
N GLY D 69 27.10 0.56 -10.42
CA GLY D 69 26.00 -0.29 -10.01
C GLY D 69 26.46 -1.43 -9.15
N ASP D 70 25.57 -1.87 -8.26
CA ASP D 70 25.84 -3.02 -7.39
C ASP D 70 24.54 -3.78 -7.17
N VAL D 71 24.50 -5.04 -7.62
CA VAL D 71 23.29 -5.84 -7.55
C VAL D 71 22.89 -6.12 -6.11
N LYS D 72 23.87 -6.43 -5.25
CA LYS D 72 23.54 -6.78 -3.87
C LYS D 72 22.98 -5.58 -3.11
N GLN D 73 23.54 -4.39 -3.34
CA GLN D 73 23.01 -3.18 -2.74
C GLN D 73 21.70 -2.75 -3.37
N ASP D 74 21.42 -3.21 -4.60
CA ASP D 74 20.22 -2.85 -5.36
C ASP D 74 20.21 -1.36 -5.74
N LEU D 75 21.36 -0.84 -6.17
CA LEU D 75 21.50 0.56 -6.54
C LEU D 75 22.24 0.71 -7.85
N VAL D 76 21.90 1.77 -8.60
CA VAL D 76 22.59 2.10 -9.85
C VAL D 76 22.59 3.62 -10.00
N SER D 77 23.68 4.16 -10.53
CA SER D 77 23.77 5.59 -10.81
C SER D 77 24.05 5.82 -12.30
N TYR D 78 23.62 6.98 -12.78
CA TYR D 78 23.73 7.37 -14.17
C TYR D 78 24.48 8.70 -14.28
N CYS D 79 25.35 8.80 -15.29
CA CYS D 79 26.06 10.02 -15.68
C CYS D 79 27.21 10.38 -14.74
N GLY D 80 27.28 9.74 -13.59
CA GLY D 80 28.34 10.00 -12.64
C GLY D 80 28.24 9.11 -11.42
N PRO D 81 29.11 9.33 -10.44
CA PRO D 81 29.11 8.47 -9.25
C PRO D 81 27.94 8.79 -8.33
N TRP D 82 27.63 7.82 -7.46
CA TRP D 82 26.62 8.00 -6.44
C TRP D 82 26.92 9.23 -5.59
N LYS D 83 25.95 10.14 -5.49
CA LYS D 83 26.15 11.42 -4.83
C LYS D 83 25.53 11.50 -3.44
N LEU D 84 24.56 10.65 -3.11
CA LEU D 84 23.83 10.76 -1.86
C LEU D 84 24.57 10.02 -0.75
N ASP D 85 24.92 10.73 0.33
CA ASP D 85 25.63 10.07 1.42
C ASP D 85 25.14 10.48 2.81
N ALA D 86 24.02 11.18 2.91
CA ALA D 86 23.40 11.41 4.20
C ALA D 86 22.90 10.10 4.79
N ALA D 87 22.98 9.97 6.10
CA ALA D 87 22.56 8.76 6.80
C ALA D 87 21.48 9.09 7.82
N TRP D 88 20.56 8.14 8.01
CA TRP D 88 19.60 8.24 9.10
C TRP D 88 20.33 8.24 10.43
N ASP D 89 19.98 9.19 11.30
CA ASP D 89 20.66 9.32 12.58
C ASP D 89 20.27 8.24 13.58
N GLY D 90 19.32 7.38 13.24
CA GLY D 90 18.85 6.36 14.16
C GLY D 90 17.96 6.87 15.27
N LEU D 91 17.48 8.10 15.17
CA LEU D 91 16.82 8.73 16.30
C LEU D 91 15.57 9.49 15.88
N SER D 92 15.65 10.22 14.77
CA SER D 92 14.60 11.12 14.33
C SER D 92 13.67 10.45 13.32
N GLU D 93 12.47 11.02 13.19
CA GLU D 93 11.56 10.60 12.13
C GLU D 93 12.05 11.09 10.78
N VAL D 94 11.68 10.35 9.74
CA VAL D 94 12.06 10.65 8.36
C VAL D 94 10.79 10.86 7.56
N GLN D 95 10.93 11.22 6.29
CA GLN D 95 9.79 11.31 5.38
C GLN D 95 10.08 10.55 4.10
N LEU D 96 9.16 9.68 3.70
CA LEU D 96 9.16 9.11 2.37
C LEU D 96 8.48 10.08 1.42
N LEU D 97 9.21 10.54 0.40
CA LEU D 97 8.61 11.28 -0.70
C LEU D 97 8.11 10.22 -1.70
N ALA D 98 6.94 9.68 -1.40
CA ALA D 98 6.39 8.60 -2.21
C ALA D 98 5.92 9.14 -3.56
N VAL D 99 6.32 8.47 -4.62
CA VAL D 99 5.84 8.81 -5.97
C VAL D 99 5.12 7.59 -6.52
N PRO D 100 3.86 7.36 -6.17
CA PRO D 100 3.16 6.16 -6.63
C PRO D 100 2.72 6.30 -8.07
N PRO D 101 2.71 5.20 -8.83
CA PRO D 101 2.19 5.26 -10.20
C PRO D 101 0.79 5.85 -10.23
N GLY D 102 0.60 6.84 -11.11
CA GLY D 102 -0.70 7.45 -11.29
C GLY D 102 -1.11 8.44 -10.23
N GLU D 103 -0.23 8.78 -9.29
CA GLU D 103 -0.57 9.70 -8.22
C GLU D 103 0.49 10.79 -8.09
N ARG D 104 0.07 11.93 -7.55
CA ARG D 104 0.99 13.02 -7.29
C ARG D 104 1.91 12.66 -6.13
N ALA D 105 3.15 13.15 -6.20
CA ALA D 105 4.10 12.94 -5.12
C ALA D 105 3.53 13.43 -3.80
N LYS D 106 3.74 12.65 -2.74
CA LYS D 106 3.22 12.99 -1.43
C LYS D 106 4.22 12.57 -0.37
N ASN D 107 4.35 13.41 0.66
CA ASN D 107 5.29 13.15 1.75
C ASN D 107 4.59 12.42 2.88
N ILE D 108 5.22 11.35 3.36
CA ILE D 108 4.69 10.54 4.46
C ILE D 108 5.76 10.45 5.53
N GLN D 109 5.42 10.84 6.75
CA GLN D 109 6.37 10.87 7.86
C GLN D 109 6.26 9.61 8.70
N THR D 110 7.40 9.14 9.19
CA THR D 110 7.42 7.89 9.96
C THR D 110 8.70 7.81 10.77
N LEU D 111 8.65 7.04 11.86
CA LEU D 111 9.85 6.67 12.57
C LEU D 111 10.30 5.30 12.10
N PRO D 112 11.47 5.18 11.47
CA PRO D 112 11.87 3.87 10.92
C PRO D 112 12.06 2.83 12.00
N GLY D 113 11.85 1.57 11.63
CA GLY D 113 12.28 0.45 12.42
C GLY D 113 13.67 0.03 12.01
N ILE D 114 14.02 -1.23 12.31
CA ILE D 114 15.37 -1.72 12.11
C ILE D 114 15.34 -3.06 11.40
N PHE D 115 16.15 -3.20 10.35
CA PHE D 115 16.57 -4.49 9.81
C PHE D 115 17.83 -4.91 10.54
N LYS D 116 17.77 -6.01 11.29
CA LYS D 116 18.91 -6.53 12.02
C LYS D 116 19.53 -7.67 11.23
N THR D 117 20.79 -7.51 10.83
CA THR D 117 21.50 -8.50 10.04
C THR D 117 22.75 -8.95 10.77
N LYS D 118 23.38 -10.00 10.23
CA LYS D 118 24.65 -10.48 10.78
C LYS D 118 25.77 -9.46 10.60
N ASP D 119 25.63 -8.52 9.66
CA ASP D 119 26.64 -7.52 9.38
C ASP D 119 26.25 -6.14 9.91
N GLY D 120 25.27 -6.06 10.80
CA GLY D 120 24.88 -4.80 11.40
C GLY D 120 23.39 -4.56 11.22
N ASP D 121 22.98 -3.33 11.55
CA ASP D 121 21.58 -2.93 11.54
C ASP D 121 21.37 -1.81 10.53
N ILE D 122 20.21 -1.83 9.89
CA ILE D 122 19.86 -0.90 8.82
C ILE D 122 18.45 -0.37 9.08
N GLY D 123 18.26 0.92 8.84
CA GLY D 123 16.94 1.51 8.99
C GLY D 123 15.94 0.91 8.01
N ALA D 124 14.68 0.90 8.42
CA ALA D 124 13.61 0.29 7.63
C ALA D 124 12.30 1.02 7.91
N VAL D 125 11.53 1.29 6.85
CA VAL D 125 10.29 2.05 6.96
C VAL D 125 9.12 1.11 6.69
N ALA D 126 8.14 1.11 7.59
CA ALA D 126 6.95 0.27 7.44
C ALA D 126 5.85 1.07 6.73
N LEU D 127 6.08 1.25 5.43
CA LEU D 127 5.14 1.94 4.54
C LEU D 127 4.98 1.09 3.30
N ASP D 128 3.72 0.84 2.91
CA ASP D 128 3.37 -0.13 1.89
C ASP D 128 2.83 0.60 0.66
N TYR D 129 3.60 0.57 -0.43
CA TYR D 129 3.25 1.21 -1.70
C TYR D 129 3.50 0.22 -2.84
N PRO D 130 2.86 0.45 -4.00
CA PRO D 130 3.04 -0.48 -5.13
C PRO D 130 4.47 -0.52 -5.61
N ALA D 131 4.78 -1.58 -6.38
CA ALA D 131 6.16 -1.85 -6.77
C ALA D 131 6.75 -0.75 -7.64
N GLY D 132 5.91 -0.05 -8.42
CA GLY D 132 6.38 1.07 -9.22
C GLY D 132 6.77 2.29 -8.42
N THR D 133 6.60 2.26 -7.09
CA THR D 133 7.09 3.32 -6.20
C THR D 133 8.57 3.14 -5.88
N SER D 134 9.15 2.00 -6.26
CA SER D 134 10.55 1.70 -5.97
C SER D 134 11.47 2.79 -6.50
N GLY D 135 12.37 3.26 -5.64
CA GLY D 135 13.28 4.35 -5.97
C GLY D 135 12.89 5.69 -5.38
N SER D 136 11.79 5.77 -4.65
CA SER D 136 11.38 7.03 -4.06
C SER D 136 12.30 7.41 -2.91
N PRO D 137 12.66 8.68 -2.79
CA PRO D 137 13.62 9.09 -1.77
C PRO D 137 13.03 9.17 -0.37
N ILE D 138 13.85 8.81 0.60
CA ILE D 138 13.57 9.00 2.02
C ILE D 138 14.45 10.14 2.50
N LEU D 139 13.86 11.08 3.25
CA LEU D 139 14.49 12.35 3.57
C LEU D 139 14.66 12.50 5.07
N ASP D 140 15.72 13.21 5.47
CA ASP D 140 15.89 13.62 6.85
C ASP D 140 15.29 15.01 7.04
N LYS D 141 15.31 15.49 8.29
CA LYS D 141 14.69 16.78 8.59
C LYS D 141 15.32 17.92 7.80
N SER D 142 16.59 17.77 7.42
CA SER D 142 17.28 18.74 6.58
C SER D 142 16.86 18.67 5.11
N GLY D 143 16.02 17.71 4.75
CA GLY D 143 15.64 17.53 3.36
C GLY D 143 16.62 16.74 2.52
N ARG D 144 17.65 16.18 3.14
CA ARG D 144 18.63 15.40 2.41
C ARG D 144 18.15 13.96 2.24
N VAL D 145 18.49 13.38 1.09
CA VAL D 145 18.10 12.00 0.80
C VAL D 145 19.01 11.06 1.59
N ILE D 146 18.41 10.27 2.48
CA ILE D 146 19.16 9.32 3.29
C ILE D 146 19.05 7.90 2.77
N GLY D 147 18.33 7.69 1.68
CA GLY D 147 18.21 6.38 1.05
C GLY D 147 17.04 6.35 0.10
N LEU D 148 16.94 5.24 -0.63
CA LEU D 148 15.84 4.98 -1.54
C LEU D 148 14.95 3.86 -1.02
N TYR D 149 13.66 3.95 -1.35
CA TYR D 149 12.63 3.03 -0.89
C TYR D 149 12.38 1.96 -1.94
N GLY D 150 12.23 0.71 -1.49
CA GLY D 150 11.76 -0.31 -2.42
C GLY D 150 12.46 -1.64 -2.46
N ASN D 151 13.47 -1.86 -1.60
CA ASN D 151 14.04 -3.19 -1.42
C ASN D 151 13.79 -3.59 0.04
N GLY D 152 12.97 -4.63 0.23
CA GLY D 152 12.56 -5.01 1.56
C GLY D 152 11.92 -6.38 1.66
N VAL D 153 11.02 -6.57 2.63
CA VAL D 153 10.40 -7.87 2.92
C VAL D 153 8.89 -7.70 3.05
N VAL D 154 8.19 -8.80 2.82
CA VAL D 154 6.76 -8.93 3.07
C VAL D 154 6.60 -9.74 4.35
N ILE D 155 5.92 -9.17 5.35
CA ILE D 155 5.83 -9.83 6.65
C ILE D 155 4.53 -10.63 6.75
N LYS D 156 4.27 -11.18 7.94
CA LYS D 156 3.24 -12.21 8.10
C LYS D 156 1.86 -11.70 7.72
N ASN D 157 1.51 -10.49 8.15
CA ASN D 157 0.16 -10.00 7.92
C ASN D 157 -0.06 -9.48 6.50
N GLY D 158 0.94 -9.58 5.63
CA GLY D 158 0.83 -9.15 4.25
C GLY D 158 1.38 -7.78 3.97
N SER D 159 1.67 -6.99 4.99
CA SER D 159 2.21 -5.65 4.80
C SER D 159 3.68 -5.72 4.36
N TYR D 160 4.21 -4.55 4.00
CA TYR D 160 5.54 -4.45 3.40
C TYR D 160 6.41 -3.52 4.24
N VAL D 161 7.69 -3.88 4.37
CA VAL D 161 8.68 -3.08 5.10
C VAL D 161 9.90 -2.93 4.20
N SER D 162 10.29 -1.68 3.93
CA SER D 162 11.38 -1.39 3.02
C SER D 162 12.64 -0.97 3.78
N ALA D 163 13.79 -1.47 3.33
CA ALA D 163 15.05 -0.95 3.85
C ALA D 163 15.24 0.50 3.43
N ILE D 164 15.98 1.24 4.24
CA ILE D 164 16.51 2.55 3.84
C ILE D 164 17.84 2.25 3.14
N THR D 165 17.78 2.03 1.82
CA THR D 165 18.95 1.65 1.05
C THR D 165 19.73 2.89 0.61
N GLN D 166 20.97 3.02 1.10
CA GLN D 166 21.84 4.15 0.76
C GLN D 166 23.16 3.64 0.21
N GLY D 167 23.72 4.40 -0.74
CA GLY D 167 25.02 4.10 -1.29
C GLY D 167 26.14 4.87 -0.61
N LYS D 168 27.33 4.75 -1.18
CA LYS D 168 28.52 5.44 -0.69
C LYS D 168 28.98 6.49 -1.68
N ARG D 169 29.34 7.66 -1.16
CA ARG D 169 29.97 8.72 -1.94
C ARG D 169 31.49 8.64 -1.75
N GLU D 170 32.22 8.54 -2.85
CA GLU D 170 33.68 8.43 -2.80
C GLU D 170 34.33 9.78 -2.45
#